data_1DAG
#
_entry.id   1DAG
#
_cell.length_a   73.200
_cell.length_b   49.200
_cell.length_c   61.800
_cell.angle_alpha   90.00
_cell.angle_beta   107.10
_cell.angle_gamma   90.00
#
_symmetry.space_group_name_H-M   'C 1 2 1'
#
loop_
_entity.id
_entity.type
_entity.pdbx_description
1 polymer 'DETHIOBIOTIN SYNTHETASE'
2 non-polymer '7-(CARBOXYAMINO)-8-AMINO-NONANOIC ACID'
3 non-polymer 'PHOSPHOMETHYLPHOSPHONIC ACID ADENYLATE ESTER'
4 water water
#
_entity_poly.entity_id   1
_entity_poly.type   'polypeptide(L)'
_entity_poly.pdbx_seq_one_letter_code
;SKRYFVTGTDTEVGKTVASCALLQAAKAAGYRTAGYKPVASGSEKTPEGLRNSDALALQRNSSLQLDYATVNPYTFAEPT
SPHIISAQEGRPIESLVMSAGLRALEQQADWVLVEGAGGWFTPLSDTFTFADWVTQEQLPVILVVGVKLGCINHAMLTAQ
VIQHAGLTLAGWVANDVTPPGKRHAEYMTTLTRMIPAPLLGEIPWLAENPENAATGKYINLALL
;
_entity_poly.pdbx_strand_id   A
#
# COMPACT_ATOMS: atom_id res chain seq x y z
N SER A 1 1.34 2.63 -18.53
CA SER A 1 1.92 2.84 -17.22
C SER A 1 2.18 1.53 -16.52
N LYS A 2 3.23 1.55 -15.69
CA LYS A 2 3.50 0.50 -14.73
C LYS A 2 2.57 0.80 -13.56
N ARG A 3 2.00 -0.24 -13.01
CA ARG A 3 1.01 -0.14 -11.94
C ARG A 3 1.34 -1.25 -10.97
N TYR A 4 1.25 -0.93 -9.68
CA TYR A 4 1.48 -1.90 -8.62
C TYR A 4 0.48 -1.68 -7.51
N PHE A 5 0.03 -2.73 -6.86
CA PHE A 5 -0.85 -2.63 -5.68
C PHE A 5 0.00 -3.00 -4.47
N VAL A 6 -0.07 -2.25 -3.37
CA VAL A 6 0.72 -2.54 -2.22
C VAL A 6 -0.21 -3.04 -1.13
N THR A 7 0.06 -4.23 -0.60
CA THR A 7 -0.71 -4.74 0.53
C THR A 7 0.23 -4.99 1.71
N GLY A 8 -0.32 -5.26 2.91
CA GLY A 8 0.44 -5.51 4.12
C GLY A 8 0.02 -6.81 4.76
N THR A 9 0.84 -7.36 5.66
CA THR A 9 0.55 -8.59 6.41
C THR A 9 -0.49 -8.39 7.54
N ASP A 10 -0.76 -7.12 7.86
CA ASP A 10 -1.74 -6.71 8.83
C ASP A 10 -1.93 -5.20 8.59
N THR A 11 -2.94 -4.60 9.25
CA THR A 11 -3.06 -3.15 9.35
C THR A 11 -1.89 -2.70 10.26
N GLU A 12 -1.42 -1.46 10.09
CA GLU A 12 -0.31 -0.85 10.85
C GLU A 12 1.03 -1.59 10.87
N VAL A 13 1.51 -2.08 9.71
CA VAL A 13 2.85 -2.68 9.58
C VAL A 13 3.80 -1.78 8.82
N GLY A 14 3.31 -0.60 8.39
CA GLY A 14 4.13 0.43 7.75
C GLY A 14 4.01 0.45 6.25
N LYS A 15 2.86 0.02 5.74
CA LYS A 15 2.63 -0.04 4.31
C LYS A 15 2.79 1.35 3.68
N THR A 16 2.42 2.41 4.38
CA THR A 16 2.59 3.74 3.77
C THR A 16 4.05 4.17 3.77
N VAL A 17 4.85 3.81 4.80
CA VAL A 17 6.27 4.17 4.84
C VAL A 17 6.93 3.45 3.64
N ALA A 18 6.67 2.15 3.45
CA ALA A 18 7.22 1.41 2.32
C ALA A 18 6.71 1.95 0.97
N SER A 19 5.45 2.40 0.84
CA SER A 19 4.94 3.03 -0.39
C SER A 19 5.67 4.35 -0.69
N CYS A 20 6.00 5.19 0.30
CA CYS A 20 6.77 6.44 0.12
C CYS A 20 8.20 6.08 -0.31
N ALA A 21 8.83 5.05 0.27
CA ALA A 21 10.14 4.59 -0.17
C ALA A 21 10.07 4.17 -1.64
N LEU A 22 9.06 3.39 -2.06
CA LEU A 22 8.93 2.93 -3.42
C LEU A 22 8.74 4.10 -4.41
N LEU A 23 7.97 5.10 -3.99
CA LEU A 23 7.72 6.25 -4.84
C LEU A 23 9.00 7.05 -5.00
N GLN A 24 9.77 7.19 -3.91
CA GLN A 24 11.03 7.94 -3.94
C GLN A 24 12.03 7.25 -4.86
N ALA A 25 12.13 5.92 -4.85
CA ALA A 25 13.01 5.19 -5.74
C ALA A 25 12.57 5.34 -7.22
N ALA A 26 11.26 5.31 -7.52
CA ALA A 26 10.76 5.38 -8.88
C ALA A 26 11.02 6.79 -9.44
N LYS A 27 10.94 7.81 -8.60
CA LYS A 27 11.19 9.20 -9.01
C LYS A 27 12.68 9.30 -9.37
N ALA A 28 13.56 8.71 -8.51
CA ALA A 28 15.01 8.72 -8.71
C ALA A 28 15.36 8.02 -10.03
N ALA A 29 14.55 7.01 -10.43
CA ALA A 29 14.72 6.31 -11.68
C ALA A 29 14.23 7.12 -12.88
N GLY A 30 13.57 8.23 -12.69
CA GLY A 30 13.13 9.09 -13.77
C GLY A 30 11.64 8.91 -14.18
N TYR A 31 10.88 8.08 -13.46
CA TYR A 31 9.47 7.94 -13.73
C TYR A 31 8.65 9.15 -13.23
N ARG A 32 7.55 9.44 -13.96
CA ARG A 32 6.51 10.40 -13.56
C ARG A 32 5.53 9.59 -12.67
N THR A 33 5.61 9.86 -11.35
CA THR A 33 4.90 9.06 -10.35
C THR A 33 3.65 9.66 -9.72
N ALA A 34 2.75 8.74 -9.33
CA ALA A 34 1.50 9.09 -8.69
C ALA A 34 1.20 7.98 -7.71
N GLY A 35 0.88 8.37 -6.48
CA GLY A 35 0.35 7.44 -5.45
C GLY A 35 -1.19 7.54 -5.50
N TYR A 36 -1.88 6.45 -5.16
CA TYR A 36 -3.33 6.39 -5.23
C TYR A 36 -3.78 5.57 -4.05
N LYS A 37 -4.60 6.17 -3.16
CA LYS A 37 -5.22 5.43 -2.07
C LYS A 37 -6.76 5.57 -2.26
N PRO A 38 -7.44 4.64 -3.00
CA PRO A 38 -8.82 4.87 -3.41
C PRO A 38 -9.74 5.03 -2.21
N VAL A 39 -9.53 4.22 -1.15
CA VAL A 39 -10.37 4.21 0.04
C VAL A 39 -9.48 4.44 1.25
N ALA A 40 -9.94 5.34 2.13
CA ALA A 40 -9.27 5.67 3.38
C ALA A 40 -10.32 5.90 4.50
N SER A 41 -10.08 5.34 5.69
CA SER A 41 -10.90 5.55 6.86
C SER A 41 -9.92 6.02 7.95
N GLY A 42 -10.33 6.96 8.80
CA GLY A 42 -9.49 7.54 9.83
C GLY A 42 -8.88 8.80 9.23
N SER A 43 -9.65 9.89 9.31
CA SER A 43 -9.33 11.18 8.73
C SER A 43 -9.62 12.37 9.62
N GLU A 44 -8.93 13.49 9.42
CA GLU A 44 -9.07 14.70 10.20
C GLU A 44 -9.91 15.70 9.44
N LYS A 45 -10.50 16.62 10.20
CA LYS A 45 -11.37 17.69 9.74
C LYS A 45 -10.41 18.78 9.25
N THR A 46 -10.67 19.44 8.13
CA THR A 46 -9.93 20.65 7.74
C THR A 46 -10.96 21.57 7.05
N PRO A 47 -10.65 22.85 6.68
CA PRO A 47 -11.52 23.70 5.87
C PRO A 47 -11.94 23.17 4.52
N GLU A 48 -11.20 22.22 3.97
CA GLU A 48 -11.47 21.71 2.66
C GLU A 48 -12.27 20.41 2.69
N GLY A 49 -12.46 19.84 3.88
CA GLY A 49 -13.09 18.56 4.06
C GLY A 49 -12.10 17.69 4.82
N LEU A 50 -12.48 16.44 4.97
CA LEU A 50 -11.69 15.42 5.60
C LEU A 50 -10.49 15.06 4.73
N ARG A 51 -9.38 14.91 5.48
CA ARG A 51 -8.05 14.56 4.96
C ARG A 51 -7.45 13.41 5.76
N ASN A 52 -6.97 12.38 5.07
CA ASN A 52 -6.37 11.20 5.70
C ASN A 52 -4.84 11.39 5.62
N SER A 53 -4.07 11.09 6.66
CA SER A 53 -2.65 11.31 6.68
C SER A 53 -1.85 10.45 5.72
N ASP A 54 -2.21 9.18 5.56
CA ASP A 54 -1.57 8.28 4.63
C ASP A 54 -1.70 8.75 3.20
N ALA A 55 -2.90 9.14 2.77
CA ALA A 55 -3.14 9.73 1.45
C ALA A 55 -2.33 11.04 1.29
N LEU A 56 -2.20 11.88 2.33
CA LEU A 56 -1.38 13.08 2.27
C LEU A 56 0.12 12.72 2.03
N ALA A 57 0.58 11.61 2.63
CA ALA A 57 1.94 11.17 2.44
C ALA A 57 2.16 10.76 0.99
N LEU A 58 1.20 10.08 0.38
CA LEU A 58 1.29 9.58 -0.97
C LEU A 58 1.27 10.74 -1.94
N GLN A 59 0.41 11.74 -1.63
CA GLN A 59 0.27 12.95 -2.43
C GLN A 59 1.62 13.69 -2.40
N ARG A 60 2.28 13.95 -1.27
CA ARG A 60 3.53 14.70 -1.30
C ARG A 60 4.77 13.91 -1.72
N ASN A 61 4.70 12.58 -1.77
CA ASN A 61 5.79 11.81 -2.32
C ASN A 61 5.66 11.52 -3.82
N SER A 62 4.56 11.90 -4.48
CA SER A 62 4.35 11.79 -5.91
C SER A 62 5.18 12.84 -6.66
N SER A 63 5.68 12.60 -7.88
CA SER A 63 6.52 13.61 -8.50
C SER A 63 5.60 14.61 -9.17
N LEU A 64 4.40 14.22 -9.59
CA LEU A 64 3.43 15.17 -10.15
C LEU A 64 2.69 15.94 -9.05
N GLN A 65 2.29 17.20 -9.25
CA GLN A 65 1.42 17.91 -8.31
C GLN A 65 0.03 17.36 -8.61
N LEU A 66 -0.57 16.74 -7.60
CA LEU A 66 -1.90 16.16 -7.72
C LEU A 66 -2.86 16.75 -6.70
N ASP A 67 -4.15 16.88 -7.02
CA ASP A 67 -5.17 17.33 -6.10
C ASP A 67 -5.50 16.19 -5.16
N TYR A 68 -5.87 16.47 -3.92
CA TYR A 68 -6.14 15.46 -2.92
C TYR A 68 -7.22 14.47 -3.40
N ALA A 69 -8.34 14.93 -3.96
CA ALA A 69 -9.43 14.03 -4.37
C ALA A 69 -8.98 13.06 -5.45
N THR A 70 -7.94 13.40 -6.23
CA THR A 70 -7.46 12.52 -7.27
C THR A 70 -6.73 11.34 -6.62
N VAL A 71 -5.99 11.64 -5.56
CA VAL A 71 -5.21 10.65 -4.79
C VAL A 71 -6.20 9.83 -3.98
N ASN A 72 -7.20 10.46 -3.37
CA ASN A 72 -8.06 9.72 -2.48
C ASN A 72 -9.52 10.11 -2.64
N PRO A 73 -10.24 9.47 -3.61
CA PRO A 73 -11.66 9.73 -3.86
C PRO A 73 -12.54 9.52 -2.63
N TYR A 74 -12.37 8.43 -1.85
CA TYR A 74 -13.22 8.08 -0.74
C TYR A 74 -12.52 8.27 0.60
N THR A 75 -13.02 9.25 1.38
CA THR A 75 -12.45 9.59 2.66
C THR A 75 -13.53 9.47 3.76
N PHE A 76 -13.25 8.63 4.78
CA PHE A 76 -14.13 8.47 5.93
C PHE A 76 -13.37 8.85 7.20
N ALA A 77 -14.12 9.50 8.10
CA ALA A 77 -13.60 10.05 9.33
C ALA A 77 -13.19 8.97 10.34
N GLU A 78 -14.07 7.95 10.50
CA GLU A 78 -13.85 6.93 11.50
C GLU A 78 -12.86 5.85 11.13
N PRO A 79 -11.87 5.58 11.99
CA PRO A 79 -10.88 4.52 11.82
C PRO A 79 -11.37 3.06 11.99
N THR A 80 -12.28 2.61 11.13
CA THR A 80 -12.79 1.25 11.17
C THR A 80 -12.75 0.68 9.75
N SER A 81 -13.28 -0.54 9.60
CA SER A 81 -13.40 -1.18 8.32
C SER A 81 -14.28 -0.33 7.36
N PRO A 82 -13.85 -0.07 6.12
CA PRO A 82 -14.54 0.79 5.16
C PRO A 82 -15.98 0.32 4.91
N HIS A 83 -16.32 -0.98 4.91
CA HIS A 83 -17.72 -1.35 4.66
C HIS A 83 -18.67 -0.90 5.79
N ILE A 84 -18.22 -0.84 7.04
CA ILE A 84 -19.03 -0.47 8.18
C ILE A 84 -19.37 1.01 8.03
N ILE A 85 -18.36 1.87 7.96
CA ILE A 85 -18.65 3.29 7.85
C ILE A 85 -19.28 3.69 6.50
N SER A 86 -19.05 3.03 5.37
CA SER A 86 -19.73 3.30 4.11
C SER A 86 -21.27 3.14 4.26
N ALA A 87 -21.72 2.01 4.83
CA ALA A 87 -23.13 1.68 5.07
C ALA A 87 -23.73 2.70 6.05
N GLN A 88 -22.99 3.05 7.10
CA GLN A 88 -23.42 3.96 8.12
C GLN A 88 -23.68 5.34 7.54
N GLU A 89 -22.81 5.77 6.64
CA GLU A 89 -22.93 7.09 6.04
C GLU A 89 -23.81 7.20 4.81
N GLY A 90 -24.22 6.08 4.21
CA GLY A 90 -25.02 6.11 3.01
C GLY A 90 -24.20 6.51 1.78
N ARG A 91 -22.89 6.21 1.83
CA ARG A 91 -21.98 6.49 0.69
C ARG A 91 -21.34 5.17 0.18
N PRO A 92 -21.97 4.45 -0.78
CA PRO A 92 -21.42 3.24 -1.33
C PRO A 92 -20.05 3.47 -1.98
N ILE A 93 -19.16 2.50 -1.77
CA ILE A 93 -17.86 2.49 -2.42
C ILE A 93 -18.07 1.73 -3.72
N GLU A 94 -18.05 2.49 -4.80
CA GLU A 94 -18.26 1.96 -6.13
C GLU A 94 -16.98 1.51 -6.88
N SER A 95 -16.92 0.27 -7.34
CA SER A 95 -15.82 -0.26 -8.12
C SER A 95 -15.56 0.58 -9.36
N LEU A 96 -16.58 1.09 -10.06
CA LEU A 96 -16.39 1.92 -11.22
C LEU A 96 -15.75 3.25 -10.87
N VAL A 97 -15.95 3.82 -9.67
CA VAL A 97 -15.32 5.10 -9.30
C VAL A 97 -13.85 4.87 -8.97
N MET A 98 -13.55 3.77 -8.23
CA MET A 98 -12.19 3.34 -7.93
C MET A 98 -11.40 3.09 -9.23
N SER A 99 -11.95 2.42 -10.24
CA SER A 99 -11.30 2.18 -11.49
C SER A 99 -11.13 3.44 -12.31
N ALA A 100 -12.13 4.34 -12.35
CA ALA A 100 -12.02 5.58 -13.14
C ALA A 100 -10.87 6.41 -12.60
N GLY A 101 -10.70 6.39 -11.28
CA GLY A 101 -9.68 7.17 -10.60
C GLY A 101 -8.28 6.72 -11.00
N LEU A 102 -8.09 5.39 -11.08
CA LEU A 102 -6.85 4.79 -11.57
C LEU A 102 -6.57 5.25 -12.99
N ARG A 103 -7.55 5.15 -13.91
CA ARG A 103 -7.37 5.62 -15.30
C ARG A 103 -6.98 7.08 -15.42
N ALA A 104 -7.55 7.95 -14.59
CA ALA A 104 -7.35 9.40 -14.59
C ALA A 104 -5.89 9.64 -14.23
N LEU A 105 -5.30 8.85 -13.31
CA LEU A 105 -3.91 9.01 -12.95
C LEU A 105 -3.00 8.59 -14.10
N GLU A 106 -3.35 7.49 -14.78
CA GLU A 106 -2.66 6.96 -15.93
C GLU A 106 -2.59 7.90 -17.15
N GLN A 107 -3.34 9.00 -17.16
CA GLN A 107 -3.31 9.99 -18.22
C GLN A 107 -2.07 10.86 -18.05
N GLN A 108 -1.55 10.92 -16.83
CA GLN A 108 -0.46 11.82 -16.54
C GLN A 108 0.73 11.11 -15.94
N ALA A 109 0.60 9.95 -15.32
CA ALA A 109 1.75 9.32 -14.72
C ALA A 109 2.07 8.01 -15.40
N ASP A 110 3.37 7.68 -15.49
CA ASP A 110 3.73 6.41 -16.09
C ASP A 110 4.16 5.39 -15.04
N TRP A 111 4.14 5.74 -13.75
CA TRP A 111 4.42 4.77 -12.67
C TRP A 111 3.44 5.15 -11.55
N VAL A 112 2.47 4.25 -11.33
CA VAL A 112 1.40 4.46 -10.36
C VAL A 112 1.43 3.35 -9.29
N LEU A 113 1.44 3.78 -8.03
CA LEU A 113 1.39 2.86 -6.90
C LEU A 113 -0.02 3.00 -6.31
N VAL A 114 -0.69 1.87 -6.09
CA VAL A 114 -2.04 1.85 -5.51
C VAL A 114 -1.93 1.19 -4.13
N GLU A 115 -2.35 1.89 -3.06
CA GLU A 115 -2.23 1.39 -1.69
C GLU A 115 -3.64 1.00 -1.25
N GLY A 116 -3.90 -0.20 -0.76
CA GLY A 116 -5.23 -0.54 -0.28
C GLY A 116 -5.38 -0.01 1.15
N ALA A 117 -6.41 -0.50 1.85
CA ALA A 117 -6.60 -0.11 3.25
C ALA A 117 -6.56 -1.42 4.04
N GLY A 118 -5.89 -1.45 5.19
CA GLY A 118 -5.71 -2.67 6.01
C GLY A 118 -4.96 -3.77 5.25
N GLY A 119 -5.42 -5.00 5.42
CA GLY A 119 -4.82 -6.16 4.79
C GLY A 119 -5.50 -6.55 3.48
N TRP A 120 -5.28 -7.79 3.04
CA TRP A 120 -5.76 -8.24 1.75
C TRP A 120 -7.26 -8.30 1.62
N PHE A 121 -7.91 -8.92 2.58
CA PHE A 121 -9.34 -9.16 2.51
C PHE A 121 -10.27 -8.07 3.07
N THR A 122 -9.81 -6.81 3.29
CA THR A 122 -10.66 -5.72 3.76
C THR A 122 -12.00 -5.55 2.96
N PRO A 123 -13.20 -5.71 3.59
CA PRO A 123 -14.47 -5.59 2.91
C PRO A 123 -14.77 -4.13 2.59
N LEU A 124 -15.26 -3.93 1.37
CA LEU A 124 -15.73 -2.61 0.92
C LEU A 124 -17.25 -2.50 0.93
N SER A 125 -17.94 -3.64 0.79
CA SER A 125 -19.38 -3.71 0.95
C SER A 125 -19.66 -5.09 1.52
N ASP A 126 -20.92 -5.47 1.68
CA ASP A 126 -21.25 -6.79 2.20
C ASP A 126 -21.05 -7.88 1.18
N THR A 127 -20.90 -7.55 -0.11
CA THR A 127 -20.62 -8.59 -1.10
C THR A 127 -19.29 -8.39 -1.84
N PHE A 128 -18.48 -7.39 -1.50
CA PHE A 128 -17.29 -7.00 -2.27
C PHE A 128 -16.12 -6.63 -1.37
N THR A 129 -14.94 -7.22 -1.62
CA THR A 129 -13.72 -6.95 -0.87
C THR A 129 -12.72 -6.25 -1.77
N PHE A 130 -11.70 -5.64 -1.15
CA PHE A 130 -10.61 -5.02 -1.88
C PHE A 130 -9.93 -6.04 -2.82
N ALA A 131 -9.78 -7.29 -2.36
CA ALA A 131 -9.21 -8.36 -3.15
C ALA A 131 -9.97 -8.54 -4.45
N ASP A 132 -11.31 -8.41 -4.46
CA ASP A 132 -12.08 -8.55 -5.69
C ASP A 132 -11.76 -7.46 -6.74
N TRP A 133 -11.53 -6.24 -6.28
CA TRP A 133 -11.24 -5.13 -7.17
C TRP A 133 -9.83 -5.33 -7.74
N VAL A 134 -8.83 -5.74 -6.91
CA VAL A 134 -7.45 -5.93 -7.40
C VAL A 134 -7.41 -7.07 -8.42
N THR A 135 -8.21 -8.13 -8.20
CA THR A 135 -8.24 -9.23 -9.13
C THR A 135 -8.83 -8.78 -10.45
N GLN A 136 -9.92 -8.01 -10.36
CA GLN A 136 -10.60 -7.44 -11.50
C GLN A 136 -9.63 -6.57 -12.34
N GLU A 137 -8.81 -5.78 -11.66
CA GLU A 137 -7.88 -4.93 -12.36
C GLU A 137 -6.62 -5.63 -12.81
N GLN A 138 -6.35 -6.85 -12.31
CA GLN A 138 -5.16 -7.60 -12.63
C GLN A 138 -3.87 -6.85 -12.28
N LEU A 139 -3.88 -6.16 -11.14
CA LEU A 139 -2.70 -5.47 -10.66
C LEU A 139 -1.67 -6.46 -10.06
N PRO A 140 -0.34 -6.39 -10.39
CA PRO A 140 0.69 -7.08 -9.65
C PRO A 140 0.80 -6.43 -8.24
N VAL A 141 1.08 -7.35 -7.30
CA VAL A 141 1.03 -7.03 -5.89
C VAL A 141 2.38 -7.04 -5.22
N ILE A 142 2.68 -6.03 -4.39
CA ILE A 142 3.92 -5.97 -3.61
C ILE A 142 3.50 -6.18 -2.16
N LEU A 143 4.06 -7.12 -1.43
CA LEU A 143 3.66 -7.36 -0.06
C LEU A 143 4.59 -6.67 0.95
N VAL A 144 4.12 -5.77 1.84
CA VAL A 144 4.96 -5.22 2.89
C VAL A 144 4.80 -6.06 4.19
N VAL A 145 5.92 -6.56 4.69
CA VAL A 145 5.98 -7.44 5.87
C VAL A 145 6.58 -6.66 7.03
N GLY A 146 5.82 -6.39 8.08
CA GLY A 146 6.40 -5.76 9.25
C GLY A 146 7.14 -6.89 10.00
N VAL A 147 8.45 -6.81 10.23
CA VAL A 147 9.21 -7.92 10.80
C VAL A 147 9.04 -7.89 12.33
N LYS A 148 8.33 -8.92 12.79
CA LYS A 148 7.93 -9.11 14.19
C LYS A 148 7.51 -10.59 14.33
N LEU A 149 7.38 -11.08 15.58
CA LEU A 149 7.00 -12.46 15.83
C LEU A 149 5.55 -12.64 15.29
N GLY A 150 5.30 -13.68 14.49
CA GLY A 150 3.99 -13.89 13.89
C GLY A 150 3.98 -13.50 12.41
N CYS A 151 4.98 -12.74 11.91
CA CYS A 151 4.95 -12.30 10.52
C CYS A 151 5.24 -13.42 9.54
N ILE A 152 5.86 -14.57 9.90
CA ILE A 152 6.05 -15.65 8.92
C ILE A 152 4.67 -16.21 8.49
N ASN A 153 3.84 -16.47 9.50
CA ASN A 153 2.52 -17.03 9.24
C ASN A 153 1.70 -16.05 8.37
N HIS A 154 1.64 -14.77 8.76
CA HIS A 154 0.88 -13.80 7.99
C HIS A 154 1.47 -13.58 6.59
N ALA A 155 2.80 -13.61 6.38
CA ALA A 155 3.34 -13.41 5.05
C ALA A 155 3.01 -14.62 4.17
N MET A 156 3.06 -15.84 4.71
CA MET A 156 2.73 -16.98 3.89
C MET A 156 1.25 -17.15 3.56
N LEU A 157 0.34 -16.79 4.50
CA LEU A 157 -1.09 -16.80 4.25
C LEU A 157 -1.40 -15.83 3.11
N THR A 158 -0.90 -14.58 3.20
CA THR A 158 -1.22 -13.59 2.16
C THR A 158 -0.64 -14.03 0.79
N ALA A 159 0.65 -14.45 0.74
CA ALA A 159 1.30 -14.94 -0.46
C ALA A 159 0.51 -16.05 -1.17
N GLN A 160 0.04 -17.06 -0.40
CA GLN A 160 -0.68 -18.15 -1.00
C GLN A 160 -2.03 -17.75 -1.54
N VAL A 161 -2.79 -16.87 -0.87
CA VAL A 161 -4.09 -16.43 -1.34
C VAL A 161 -3.95 -15.62 -2.63
N ILE A 162 -2.95 -14.75 -2.75
CA ILE A 162 -2.74 -13.94 -3.96
C ILE A 162 -2.45 -14.87 -5.15
N GLN A 163 -1.61 -15.91 -4.98
CA GLN A 163 -1.25 -16.84 -6.05
C GLN A 163 -2.48 -17.68 -6.36
N HIS A 164 -3.28 -18.09 -5.37
CA HIS A 164 -4.52 -18.78 -5.64
C HIS A 164 -5.48 -17.91 -6.49
N ALA A 165 -5.50 -16.59 -6.34
CA ALA A 165 -6.35 -15.74 -7.13
C ALA A 165 -5.78 -15.52 -8.53
N GLY A 166 -4.65 -16.13 -8.91
CA GLY A 166 -4.04 -16.03 -10.23
C GLY A 166 -3.34 -14.70 -10.49
N LEU A 167 -2.98 -13.98 -9.44
CA LEU A 167 -2.26 -12.72 -9.55
C LEU A 167 -0.76 -12.90 -9.35
N THR A 168 0.04 -11.99 -9.88
CA THR A 168 1.47 -11.93 -9.70
C THR A 168 1.86 -11.25 -8.40
N LEU A 169 2.59 -11.97 -7.57
CA LEU A 169 3.24 -11.35 -6.43
C LEU A 169 4.58 -10.85 -7.01
N ALA A 170 4.65 -9.55 -7.26
CA ALA A 170 5.80 -8.90 -7.83
C ALA A 170 7.00 -8.83 -6.89
N GLY A 171 6.80 -8.78 -5.59
CA GLY A 171 7.92 -8.67 -4.67
C GLY A 171 7.44 -8.46 -3.28
N TRP A 172 8.39 -8.34 -2.34
CA TRP A 172 8.03 -8.01 -0.98
C TRP A 172 9.06 -7.05 -0.38
N VAL A 173 8.64 -6.29 0.63
CA VAL A 173 9.47 -5.33 1.29
C VAL A 173 9.47 -5.68 2.80
N ALA A 174 10.65 -5.78 3.45
CA ALA A 174 10.76 -5.96 4.89
C ALA A 174 10.82 -4.60 5.59
N ASN A 175 9.92 -4.37 6.54
CA ASN A 175 9.89 -3.12 7.25
C ASN A 175 10.16 -3.37 8.72
N ASP A 176 11.16 -2.71 9.27
CA ASP A 176 11.53 -2.94 10.64
C ASP A 176 10.76 -2.03 11.56
N VAL A 177 9.69 -2.63 12.08
CA VAL A 177 8.80 -1.90 12.98
C VAL A 177 9.34 -1.82 14.42
N THR A 178 10.25 -2.69 14.84
CA THR A 178 10.86 -2.56 16.15
C THR A 178 12.37 -2.30 16.01
N PRO A 179 13.04 -1.76 17.05
CA PRO A 179 14.50 -1.80 17.20
C PRO A 179 15.10 -3.19 16.97
N PRO A 180 16.42 -3.34 16.65
CA PRO A 180 17.10 -4.62 16.51
C PRO A 180 16.81 -5.54 17.70
N GLY A 181 16.36 -6.71 17.33
CA GLY A 181 16.10 -7.76 18.29
C GLY A 181 16.93 -9.01 17.98
N LYS A 182 16.95 -9.94 18.94
CA LYS A 182 17.76 -11.14 18.89
C LYS A 182 17.64 -12.02 17.64
N ARG A 183 16.46 -12.37 17.09
CA ARG A 183 16.48 -13.31 15.96
C ARG A 183 16.15 -12.64 14.61
N HIS A 184 16.62 -11.40 14.41
CA HIS A 184 16.33 -10.68 13.17
C HIS A 184 16.90 -11.36 11.92
N ALA A 185 18.15 -11.80 11.89
CA ALA A 185 18.78 -12.45 10.75
C ALA A 185 18.08 -13.73 10.37
N GLU A 186 17.68 -14.54 11.37
CA GLU A 186 17.02 -15.83 11.11
C GLU A 186 15.60 -15.63 10.53
N TYR A 187 14.87 -14.60 11.01
CA TYR A 187 13.56 -14.18 10.48
C TYR A 187 13.71 -13.71 9.05
N MET A 188 14.69 -12.84 8.74
CA MET A 188 14.95 -12.43 7.37
C MET A 188 15.34 -13.61 6.47
N THR A 189 16.13 -14.61 6.91
CA THR A 189 16.45 -15.76 6.09
C THR A 189 15.19 -16.60 5.86
N THR A 190 14.36 -16.87 6.86
CA THR A 190 13.15 -17.71 6.68
C THR A 190 12.18 -17.07 5.68
N LEU A 191 11.94 -15.75 5.87
CA LEU A 191 11.06 -14.98 5.00
C LEU A 191 11.55 -14.98 3.58
N THR A 192 12.86 -14.84 3.38
CA THR A 192 13.39 -14.86 2.03
C THR A 192 13.18 -16.23 1.36
N ARG A 193 13.38 -17.35 2.10
CA ARG A 193 13.18 -18.69 1.58
C ARG A 193 11.70 -18.93 1.25
N MET A 194 10.80 -18.50 2.15
CA MET A 194 9.39 -18.85 2.03
C MET A 194 8.55 -17.98 1.10
N ILE A 195 8.83 -16.68 0.90
CA ILE A 195 7.96 -15.87 0.03
C ILE A 195 8.42 -16.06 -1.42
N PRO A 196 7.56 -16.50 -2.35
CA PRO A 196 7.99 -16.82 -3.70
C PRO A 196 8.04 -15.56 -4.56
N ALA A 197 8.80 -14.54 -4.15
CA ALA A 197 8.89 -13.29 -4.87
C ALA A 197 10.17 -12.61 -4.43
N PRO A 198 10.86 -11.76 -5.21
CA PRO A 198 12.06 -11.10 -4.78
C PRO A 198 11.91 -10.14 -3.59
N LEU A 199 12.88 -10.15 -2.68
CA LEU A 199 12.97 -9.17 -1.63
C LEU A 199 13.47 -7.89 -2.32
N LEU A 200 12.65 -6.85 -2.34
CA LEU A 200 13.01 -5.55 -2.94
C LEU A 200 13.86 -4.67 -1.99
N GLY A 201 13.99 -4.94 -0.68
CA GLY A 201 14.77 -4.07 0.19
C GLY A 201 14.27 -4.11 1.61
N GLU A 202 15.01 -3.55 2.54
CA GLU A 202 14.65 -3.53 3.94
C GLU A 202 14.74 -2.13 4.52
N ILE A 203 13.63 -1.62 5.10
CA ILE A 203 13.65 -0.28 5.68
C ILE A 203 13.93 -0.45 7.16
N PRO A 204 14.96 0.23 7.67
CA PRO A 204 15.35 0.16 9.08
C PRO A 204 14.37 0.86 10.01
N TRP A 205 14.45 0.62 11.33
CA TRP A 205 13.58 1.21 12.34
C TRP A 205 13.95 2.68 12.36
N LEU A 206 13.02 3.57 12.01
CA LEU A 206 13.28 5.01 12.00
C LEU A 206 12.32 5.64 12.98
N ALA A 207 12.80 5.84 14.19
CA ALA A 207 12.05 6.45 15.26
C ALA A 207 11.16 7.67 14.93
N GLU A 208 11.74 8.77 14.42
CA GLU A 208 11.01 10.02 14.23
C GLU A 208 10.48 10.15 12.80
N ASN A 209 9.17 10.25 12.60
CA ASN A 209 8.54 10.54 11.29
C ASN A 209 8.96 9.85 9.96
N PRO A 210 9.06 8.49 9.91
CA PRO A 210 9.70 7.73 8.83
C PRO A 210 9.11 7.92 7.44
N GLU A 211 7.89 8.45 7.27
CA GLU A 211 7.32 8.73 5.95
C GLU A 211 7.82 10.04 5.29
N ASN A 212 8.46 10.86 6.13
CA ASN A 212 9.17 12.07 5.69
C ASN A 212 10.69 11.84 5.52
N ALA A 213 11.19 10.69 6.02
CA ALA A 213 12.59 10.27 5.85
C ALA A 213 12.94 9.96 4.40
N ALA A 214 14.21 10.07 4.00
CA ALA A 214 14.56 9.78 2.61
C ALA A 214 14.89 8.31 2.63
N THR A 215 13.97 7.49 2.15
CA THR A 215 14.08 6.03 2.24
C THR A 215 14.22 5.28 0.93
N GLY A 216 14.12 6.03 -0.19
CA GLY A 216 14.25 5.53 -1.54
C GLY A 216 15.45 4.60 -1.75
N LYS A 217 16.57 4.93 -1.07
CA LYS A 217 17.83 4.17 -1.17
C LYS A 217 17.72 2.73 -0.70
N TYR A 218 16.75 2.38 0.15
CA TYR A 218 16.62 1.02 0.65
C TYR A 218 15.89 0.12 -0.34
N ILE A 219 15.34 0.66 -1.45
CA ILE A 219 14.62 -0.13 -2.43
C ILE A 219 15.46 -0.32 -3.69
N ASN A 220 15.54 -1.57 -4.16
CA ASN A 220 16.18 -1.89 -5.42
C ASN A 220 15.11 -2.07 -6.51
N LEU A 221 14.78 -1.00 -7.26
CA LEU A 221 13.70 -1.04 -8.24
C LEU A 221 13.98 -1.94 -9.43
N ALA A 222 15.25 -2.36 -9.61
CA ALA A 222 15.68 -3.24 -10.67
C ALA A 222 15.00 -4.59 -10.62
N LEU A 223 14.61 -5.02 -9.41
CA LEU A 223 13.99 -6.33 -9.24
C LEU A 223 12.47 -6.40 -9.47
N LEU A 224 11.89 -5.25 -9.76
CA LEU A 224 10.49 -5.12 -10.05
C LEU A 224 10.34 -5.15 -11.55
#